data_4ESQ
#
_entry.id   4ESQ
#
_cell.length_a   47.455
_cell.length_b   35.923
_cell.length_c   49.308
_cell.angle_alpha   90.000
_cell.angle_beta   98.360
_cell.angle_gamma   90.000
#
_symmetry.space_group_name_H-M   'P 1 21 1'
#
loop_
_entity.id
_entity.type
_entity.pdbx_description
1 polymer 'Serine/threonine protein kinase'
2 non-polymer 2-[BIS-(2-HYDROXY-ETHYL)-AMINO]-2-HYDROXYMETHYL-PROPANE-1,3-DIOL
3 non-polymer 'TERBIUM(III) ION'
4 water water
#
_entity_poly.entity_id   1
_entity_poly.type   'polypeptide(L)'
_entity_poly.pdbx_seq_one_letter_code
;GHQPVAEERLSALLLNSSEVNAVMGSSSMQPGKPITSMDSSPVTVSLPDCQGALYTSQDPVYAGTGYTAINGLISSEPGD
NYEHWVNQAVVAFPTADKARAFVQTSADKWKNCAGKTVTVTNKAKTYRWTFADVKGSPPTITVIDTQEGAEGWECQRAMS
VANNVVVDVNACGYQITNQAGQIAAKIVDKVNKE
;
_entity_poly.pdbx_strand_id   A
#
loop_
_chem_comp.id
_chem_comp.type
_chem_comp.name
_chem_comp.formula
BTB non-polymer 2-[BIS-(2-HYDROXY-ETHYL)-AMINO]-2-HYDROXYMETHYL-PROPANE-1,3-DIOL 'C8 H19 N O5'
TB non-polymer 'TERBIUM(III) ION' 'Tb 3'
#
# COMPACT_ATOMS: atom_id res chain seq x y z
N GLY A 1 -7.47 5.37 -26.92
CA GLY A 1 -8.01 4.37 -26.02
C GLY A 1 -8.42 4.94 -24.68
N HIS A 2 -9.70 4.88 -24.36
CA HIS A 2 -10.22 5.42 -23.11
C HIS A 2 -10.90 4.36 -22.25
N GLN A 3 -10.71 3.10 -22.61
CA GLN A 3 -11.36 2.01 -21.90
C GLN A 3 -10.75 1.79 -20.52
N PRO A 4 -11.58 1.38 -19.55
CA PRO A 4 -11.11 1.11 -18.19
C PRO A 4 -10.35 -0.21 -18.16
N VAL A 5 -9.57 -0.41 -17.11
CA VAL A 5 -8.90 -1.69 -16.93
C VAL A 5 -9.91 -2.72 -16.46
N ALA A 6 -9.90 -3.89 -17.08
CA ALA A 6 -10.80 -4.99 -16.69
C ALA A 6 -10.38 -5.58 -15.35
N GLU A 7 -11.38 -5.97 -14.56
CA GLU A 7 -11.11 -6.60 -13.27
C GLU A 7 -10.17 -7.77 -13.42
N GLU A 8 -10.33 -8.50 -14.53
CA GLU A 8 -9.58 -9.74 -14.71
C GLU A 8 -8.12 -9.50 -15.08
N ARG A 9 -7.75 -8.23 -15.28
CA ARG A 9 -6.38 -7.88 -15.65
C ARG A 9 -5.59 -7.29 -14.50
N LEU A 10 -6.19 -7.24 -13.31
CA LEU A 10 -5.54 -6.61 -12.17
C LEU A 10 -4.21 -7.28 -11.81
N SER A 11 -4.16 -8.61 -11.84
CA SER A 11 -2.94 -9.31 -11.41
C SER A 11 -1.76 -8.98 -12.31
N ALA A 12 -2.05 -8.66 -13.57
CA ALA A 12 -1.01 -8.32 -14.54
C ALA A 12 -0.36 -6.96 -14.24
N LEU A 13 -0.95 -6.20 -13.32
CA LEU A 13 -0.43 -4.87 -12.97
C LEU A 13 0.60 -4.89 -11.82
N LEU A 14 0.64 -5.98 -11.07
CA LEU A 14 1.56 -6.06 -9.94
C LEU A 14 2.99 -6.25 -10.41
N LEU A 15 3.94 -6.00 -9.53
CA LEU A 15 5.34 -6.17 -9.88
C LEU A 15 5.73 -7.63 -9.69
N ASN A 16 6.54 -8.15 -10.60
CA ASN A 16 6.99 -9.52 -10.50
C ASN A 16 8.13 -9.65 -9.49
N SER A 17 8.58 -10.87 -9.23
N SER A 17 8.59 -10.87 -9.24
CA SER A 17 9.58 -11.12 -8.20
CA SER A 17 9.59 -11.12 -8.21
C SER A 17 10.87 -10.33 -8.44
C SER A 17 10.89 -10.35 -8.45
N SER A 18 11.31 -10.27 -9.69
N SER A 18 11.32 -10.27 -9.70
CA SER A 18 12.52 -9.53 -10.03
CA SER A 18 12.54 -9.52 -10.03
C SER A 18 12.35 -8.05 -9.74
C SER A 18 12.35 -8.04 -9.72
N GLU A 19 11.21 -7.50 -10.12
CA GLU A 19 10.94 -6.09 -9.93
C GLU A 19 10.89 -5.71 -8.46
N VAL A 20 10.25 -6.54 -7.63
CA VAL A 20 10.16 -6.27 -6.20
C VAL A 20 11.55 -6.32 -5.56
N ASN A 21 12.29 -7.38 -5.87
CA ASN A 21 13.66 -7.51 -5.38
C ASN A 21 14.52 -6.30 -5.75
N ALA A 22 14.40 -5.87 -7.00
CA ALA A 22 15.22 -4.78 -7.51
C ALA A 22 14.94 -3.48 -6.78
N VAL A 23 13.67 -3.20 -6.49
CA VAL A 23 13.34 -1.97 -5.79
C VAL A 23 13.85 -2.04 -4.35
N MET A 24 13.68 -3.20 -3.72
CA MET A 24 13.95 -3.34 -2.29
C MET A 24 15.42 -3.57 -1.95
N GLY A 25 16.23 -3.89 -2.96
CA GLY A 25 17.63 -4.19 -2.69
C GLY A 25 17.83 -5.60 -2.17
N SER A 26 17.03 -6.53 -2.69
CA SER A 26 17.09 -7.93 -2.30
C SER A 26 17.29 -8.83 -3.52
N SER A 27 17.59 -10.09 -3.28
CA SER A 27 17.65 -11.09 -4.33
C SER A 27 16.86 -12.34 -3.94
N SER A 28 16.11 -12.27 -2.84
CA SER A 28 15.48 -13.47 -2.31
C SER A 28 14.05 -13.28 -1.79
N MET A 29 13.42 -12.14 -2.08
CA MET A 29 12.05 -11.95 -1.63
C MET A 29 11.13 -12.87 -2.44
N GLN A 30 10.15 -13.46 -1.76
CA GLN A 30 9.20 -14.33 -2.43
C GLN A 30 7.78 -13.91 -2.10
N PRO A 31 6.90 -13.93 -3.11
CA PRO A 31 5.49 -13.61 -2.92
C PRO A 31 4.73 -14.74 -2.27
N GLY A 32 3.66 -14.40 -1.56
CA GLY A 32 2.74 -15.39 -1.02
C GLY A 32 1.61 -15.66 -2.00
N LYS A 33 0.51 -16.20 -1.49
CA LYS A 33 -0.63 -16.49 -2.35
C LYS A 33 -1.33 -15.20 -2.78
N PRO A 34 -1.97 -15.22 -3.96
CA PRO A 34 -2.68 -14.01 -4.39
C PRO A 34 -3.69 -13.56 -3.35
N ILE A 35 -3.75 -12.26 -3.13
CA ILE A 35 -4.77 -11.66 -2.28
C ILE A 35 -5.86 -11.10 -3.18
N THR A 36 -7.10 -11.51 -2.93
CA THR A 36 -8.20 -11.15 -3.82
C THR A 36 -9.41 -10.56 -3.11
N SER A 37 -9.24 -10.23 -1.83
CA SER A 37 -10.30 -9.55 -1.08
C SER A 37 -9.68 -8.57 -0.10
N MET A 38 -10.48 -7.63 0.38
CA MET A 38 -10.00 -6.67 1.37
C MET A 38 -9.80 -7.38 2.70
N ASP A 39 -8.93 -6.82 3.53
CA ASP A 39 -8.57 -7.41 4.80
C ASP A 39 -9.50 -6.90 5.90
N SER A 40 -10.27 -7.82 6.49
CA SER A 40 -11.19 -7.42 7.56
C SER A 40 -10.79 -8.00 8.91
N SER A 41 -9.55 -8.48 9.02
CA SER A 41 -9.06 -8.93 10.31
C SER A 41 -9.00 -7.71 11.22
N PRO A 42 -9.44 -7.87 12.48
CA PRO A 42 -9.58 -6.69 13.33
C PRO A 42 -8.25 -6.03 13.68
N VAL A 43 -8.22 -4.71 13.65
CA VAL A 43 -7.10 -3.95 14.17
C VAL A 43 -7.64 -2.66 14.77
N THR A 44 -7.05 -2.25 15.89
CA THR A 44 -7.50 -1.06 16.59
C THR A 44 -6.40 0.00 16.51
N VAL A 45 -6.76 1.16 15.98
CA VAL A 45 -5.80 2.27 15.89
C VAL A 45 -6.33 3.41 16.74
N SER A 46 -5.44 3.97 17.57
CA SER A 46 -5.83 5.01 18.53
C SER A 46 -6.53 6.18 17.84
N LEU A 47 -6.05 6.53 16.64
CA LEU A 47 -6.81 7.41 15.76
C LEU A 47 -7.37 6.53 14.64
N PRO A 48 -8.65 6.14 14.74
CA PRO A 48 -9.20 5.13 13.83
C PRO A 48 -9.00 5.44 12.35
N ASP A 49 -9.04 6.71 11.97
CA ASP A 49 -8.94 7.05 10.55
C ASP A 49 -7.51 7.00 10.03
N CYS A 50 -6.57 6.62 10.89
CA CYS A 50 -5.21 6.39 10.44
C CYS A 50 -4.97 4.93 10.01
N GLN A 51 -6.02 4.11 10.03
CA GLN A 51 -5.88 2.71 9.61
C GLN A 51 -5.35 2.58 8.18
N GLY A 52 -5.90 3.38 7.26
CA GLY A 52 -5.45 3.35 5.88
C GLY A 52 -4.06 3.92 5.71
N ALA A 53 -3.67 4.79 6.62
CA ALA A 53 -2.34 5.39 6.56
C ALA A 53 -1.27 4.38 6.99
N LEU A 54 -1.69 3.31 7.67
CA LEU A 54 -0.77 2.26 8.10
C LEU A 54 -0.71 1.06 7.15
N TYR A 55 -1.87 0.67 6.63
CA TYR A 55 -2.00 -0.59 5.89
C TYR A 55 -2.77 -0.44 4.58
N THR A 56 -2.38 -1.23 3.58
N THR A 56 -2.39 -1.24 3.59
CA THR A 56 -3.12 -1.25 2.31
CA THR A 56 -3.10 -1.27 2.32
C THR A 56 -4.32 -2.17 2.43
C THR A 56 -4.32 -2.18 2.42
N SER A 57 -5.25 -2.03 1.47
CA SER A 57 -6.33 -3.00 1.28
C SER A 57 -7.18 -3.31 2.52
N GLN A 58 -7.45 -2.31 3.35
CA GLN A 58 -8.21 -2.55 4.56
C GLN A 58 -9.71 -2.44 4.33
N ASP A 59 -10.46 -3.43 4.78
CA ASP A 59 -11.91 -3.42 4.58
C ASP A 59 -12.61 -2.14 5.09
N PRO A 60 -12.34 -1.71 6.34
CA PRO A 60 -13.02 -0.52 6.89
C PRO A 60 -12.70 0.75 6.10
N VAL A 61 -11.58 0.73 5.41
CA VAL A 61 -11.13 1.87 4.64
C VAL A 61 -11.83 1.89 3.27
N TYR A 62 -11.93 0.74 2.62
CA TYR A 62 -12.50 0.67 1.27
C TYR A 62 -14.00 0.44 1.23
N ALA A 63 -14.57 0.02 2.36
CA ALA A 63 -16.01 -0.22 2.41
C ALA A 63 -16.77 1.02 1.98
N GLY A 64 -17.75 0.84 1.09
CA GLY A 64 -18.57 1.95 0.66
C GLY A 64 -18.01 2.82 -0.46
N THR A 65 -16.79 2.54 -0.91
CA THR A 65 -16.15 3.38 -1.92
C THR A 65 -16.48 3.03 -3.37
N GLY A 66 -17.17 1.91 -3.57
CA GLY A 66 -17.57 1.52 -4.91
C GLY A 66 -16.57 0.65 -5.65
N TYR A 67 -15.49 0.24 -4.98
CA TYR A 67 -14.50 -0.61 -5.62
C TYR A 67 -15.17 -1.92 -6.07
N THR A 68 -14.66 -2.51 -7.14
CA THR A 68 -15.26 -3.72 -7.67
C THR A 68 -14.39 -4.96 -7.48
N ALA A 69 -13.08 -4.75 -7.35
CA ALA A 69 -12.16 -5.87 -7.23
C ALA A 69 -10.82 -5.40 -6.70
N ILE A 70 -10.10 -6.29 -6.04
CA ILE A 70 -8.76 -6.00 -5.53
C ILE A 70 -7.84 -7.18 -5.81
N ASN A 71 -6.61 -6.90 -6.22
CA ASN A 71 -5.62 -7.95 -6.38
C ASN A 71 -4.30 -7.50 -5.76
N GLY A 72 -3.74 -8.35 -4.90
CA GLY A 72 -2.51 -7.97 -4.22
C GLY A 72 -1.56 -9.13 -3.95
N LEU A 73 -0.37 -8.78 -3.49
CA LEU A 73 0.66 -9.75 -3.11
C LEU A 73 1.50 -9.22 -1.96
N ILE A 74 1.86 -10.11 -1.05
CA ILE A 74 2.78 -9.76 0.02
C ILE A 74 4.06 -10.55 -0.21
N SER A 75 5.20 -9.86 -0.20
CA SER A 75 6.50 -10.50 -0.43
C SER A 75 7.52 -10.18 0.64
N SER A 76 8.37 -11.16 0.95
CA SER A 76 9.46 -10.94 1.91
C SER A 76 10.48 -12.06 1.76
N GLU A 77 11.68 -11.86 2.29
CA GLU A 77 12.63 -12.97 2.34
C GLU A 77 12.01 -14.06 3.21
N PRO A 78 12.37 -15.32 2.95
CA PRO A 78 11.87 -16.41 3.80
C PRO A 78 12.33 -16.25 5.24
N GLY A 79 11.54 -16.75 6.18
CA GLY A 79 11.93 -16.72 7.58
C GLY A 79 11.23 -15.64 8.37
N ASP A 80 11.47 -15.63 9.68
CA ASP A 80 10.74 -14.74 10.59
C ASP A 80 11.39 -13.37 10.73
N ASN A 81 12.64 -13.26 10.31
CA ASN A 81 13.37 -12.01 10.44
C ASN A 81 13.83 -11.44 9.09
N TYR A 82 12.89 -11.37 8.15
CA TYR A 82 13.16 -10.82 6.82
C TYR A 82 13.63 -9.38 6.90
N GLU A 83 14.52 -9.00 5.98
CA GLU A 83 15.02 -7.63 5.92
C GLU A 83 14.05 -6.68 5.21
N HIS A 84 13.18 -7.23 4.35
CA HIS A 84 12.29 -6.43 3.52
C HIS A 84 10.91 -7.05 3.44
N TRP A 85 9.88 -6.22 3.31
CA TRP A 85 8.51 -6.71 3.26
C TRP A 85 7.69 -5.76 2.40
N VAL A 86 6.96 -6.29 1.42
CA VAL A 86 6.17 -5.44 0.54
C VAL A 86 4.76 -5.99 0.42
N ASN A 87 3.78 -5.10 0.56
CA ASN A 87 2.40 -5.42 0.26
C ASN A 87 2.00 -4.48 -0.88
N GLN A 88 1.74 -5.05 -2.05
CA GLN A 88 1.34 -4.27 -3.21
C GLN A 88 -0.04 -4.71 -3.65
N ALA A 89 -0.90 -3.75 -3.94
CA ALA A 89 -2.25 -4.07 -4.36
C ALA A 89 -2.77 -3.06 -5.38
N VAL A 90 -3.64 -3.54 -6.26
CA VAL A 90 -4.36 -2.68 -7.18
C VAL A 90 -5.86 -2.90 -7.00
N VAL A 91 -6.61 -1.82 -7.08
CA VAL A 91 -8.03 -1.88 -6.78
C VAL A 91 -8.79 -1.26 -7.96
N ALA A 92 -9.72 -2.02 -8.52
CA ALA A 92 -10.51 -1.55 -9.66
C ALA A 92 -11.75 -0.85 -9.19
N PHE A 93 -12.12 0.24 -9.88
CA PHE A 93 -13.35 0.96 -9.66
C PHE A 93 -14.08 1.03 -10.99
N PRO A 94 -15.38 1.34 -10.96
CA PRO A 94 -16.14 1.38 -12.21
C PRO A 94 -15.66 2.48 -13.15
N THR A 95 -15.21 3.59 -12.58
CA THR A 95 -14.77 4.75 -13.35
C THR A 95 -13.54 5.39 -12.75
N ALA A 96 -12.84 6.17 -13.56
CA ALA A 96 -11.75 7.01 -13.09
C ALA A 96 -12.21 7.94 -11.96
N ASP A 97 -13.39 8.53 -12.12
CA ASP A 97 -13.93 9.44 -11.11
C ASP A 97 -13.96 8.84 -9.70
N LYS A 98 -14.46 7.60 -9.60
CA LYS A 98 -14.56 6.95 -8.30
C LYS A 98 -13.19 6.58 -7.75
N ALA A 99 -12.29 6.14 -8.63
CA ALA A 99 -10.92 5.85 -8.23
C ALA A 99 -10.24 7.11 -7.69
N ARG A 100 -10.36 8.21 -8.42
CA ARG A 100 -9.75 9.46 -7.98
C ARG A 100 -10.33 9.97 -6.66
N ALA A 101 -11.65 9.84 -6.50
CA ALA A 101 -12.32 10.29 -5.29
C ALA A 101 -11.76 9.55 -4.07
N PHE A 102 -11.46 8.27 -4.23
CA PHE A 102 -10.93 7.49 -3.12
C PHE A 102 -9.53 7.96 -2.71
N VAL A 103 -8.70 8.27 -3.70
CA VAL A 103 -7.36 8.77 -3.38
C VAL A 103 -7.45 10.16 -2.72
N GLN A 104 -8.40 10.98 -3.17
CA GLN A 104 -8.58 12.28 -2.53
C GLN A 104 -9.00 12.10 -1.08
N THR A 105 -9.92 11.16 -0.83
CA THR A 105 -10.34 10.89 0.53
C THR A 105 -9.15 10.42 1.34
N SER A 106 -8.35 9.52 0.75
CA SER A 106 -7.17 9.03 1.45
C SER A 106 -6.23 10.16 1.81
N ALA A 107 -6.02 11.07 0.88
CA ALA A 107 -5.18 12.22 1.15
C ALA A 107 -5.69 13.03 2.35
N ASP A 108 -7.01 13.24 2.44
CA ASP A 108 -7.57 13.93 3.61
C ASP A 108 -7.28 13.20 4.91
N LYS A 109 -7.46 11.90 4.91
CA LYS A 109 -7.24 11.12 6.12
C LYS A 109 -5.77 11.10 6.48
N TRP A 110 -4.89 10.88 5.51
CA TRP A 110 -3.47 10.75 5.84
C TRP A 110 -2.92 12.05 6.41
N LYS A 111 -3.44 13.19 5.93
CA LYS A 111 -2.93 14.49 6.36
C LYS A 111 -3.24 14.76 7.84
N ASN A 112 -4.29 14.12 8.35
CA ASN A 112 -4.64 14.22 9.76
C ASN A 112 -3.85 13.25 10.63
N CYS A 113 -3.11 12.35 9.98
CA CYS A 113 -2.23 11.43 10.70
C CYS A 113 -0.80 11.92 10.72
N ALA A 114 -0.45 12.80 9.77
CA ALA A 114 0.91 13.29 9.62
C ALA A 114 1.49 13.89 10.89
N GLY A 115 2.73 13.54 11.20
CA GLY A 115 3.41 14.12 12.35
C GLY A 115 2.87 13.68 13.70
N LYS A 116 2.18 12.54 13.72
CA LYS A 116 1.60 11.99 14.95
C LYS A 116 2.05 10.56 15.21
N THR A 117 2.06 10.18 16.50
CA THR A 117 2.25 8.79 16.86
C THR A 117 0.90 8.18 17.19
N VAL A 118 0.63 6.99 16.67
CA VAL A 118 -0.60 6.25 16.98
C VAL A 118 -0.26 4.92 17.65
N THR A 119 -1.19 4.42 18.45
CA THR A 119 -1.07 3.10 19.06
C THR A 119 -1.88 2.12 18.22
N VAL A 120 -1.28 0.97 17.91
CA VAL A 120 -1.97 -0.03 17.09
C VAL A 120 -2.05 -1.34 17.85
N THR A 121 -3.24 -1.92 17.91
CA THR A 121 -3.40 -3.19 18.59
C THR A 121 -3.86 -4.25 17.60
N ASN A 122 -3.15 -5.37 17.60
CA ASN A 122 -3.47 -6.47 16.71
C ASN A 122 -3.08 -7.78 17.38
N LYS A 123 -4.00 -8.72 17.41
CA LYS A 123 -3.76 -10.01 18.06
C LYS A 123 -3.24 -9.83 19.48
N ALA A 124 -3.88 -8.94 20.22
CA ALA A 124 -3.53 -8.71 21.63
C ALA A 124 -2.12 -8.19 21.82
N LYS A 125 -1.52 -7.68 20.74
CA LYS A 125 -0.21 -7.07 20.81
C LYS A 125 -0.29 -5.60 20.41
N THR A 126 0.34 -4.73 21.19
CA THR A 126 0.23 -3.29 20.97
C THR A 126 1.57 -2.64 20.66
N TYR A 127 1.61 -1.85 19.60
CA TYR A 127 2.83 -1.14 19.23
C TYR A 127 2.52 0.28 18.77
N ARG A 128 3.50 1.17 18.91
CA ARG A 128 3.31 2.55 18.53
C ARG A 128 4.02 2.82 17.22
N TRP A 129 3.40 3.61 16.36
CA TRP A 129 3.98 3.98 15.07
C TRP A 129 3.89 5.48 14.88
N THR A 130 4.96 6.08 14.35
CA THR A 130 5.02 7.53 14.17
C THR A 130 5.02 7.89 12.68
N PHE A 131 4.09 8.75 12.26
CA PHE A 131 4.02 9.19 10.87
C PHE A 131 4.89 10.43 10.63
N ALA A 132 5.57 10.45 9.49
CA ALA A 132 6.23 11.66 9.00
C ALA A 132 5.18 12.54 8.33
N ASP A 133 5.63 13.50 7.52
CA ASP A 133 4.67 14.30 6.76
C ASP A 133 4.26 13.59 5.48
N VAL A 134 3.06 13.90 4.99
CA VAL A 134 2.59 13.34 3.73
C VAL A 134 3.33 14.01 2.59
N LYS A 135 3.87 13.21 1.69
CA LYS A 135 4.61 13.72 0.55
C LYS A 135 4.01 13.23 -0.75
N GLY A 136 4.77 13.38 -1.83
CA GLY A 136 4.31 12.99 -3.15
C GLY A 136 3.76 14.18 -3.92
N SER A 137 3.54 13.98 -5.21
CA SER A 137 2.97 14.99 -6.08
C SER A 137 1.79 14.35 -6.82
N PRO A 138 0.74 15.14 -7.09
CA PRO A 138 -0.51 14.58 -7.63
C PRO A 138 -0.26 13.63 -8.80
N PRO A 139 -1.05 12.55 -8.87
CA PRO A 139 -2.11 12.18 -7.94
C PRO A 139 -1.62 11.19 -6.90
N THR A 140 -0.33 11.24 -6.57
CA THR A 140 0.27 10.26 -5.68
C THR A 140 0.45 10.84 -4.29
N ILE A 141 0.20 10.04 -3.27
CA ILE A 141 0.52 10.42 -1.91
C ILE A 141 1.44 9.36 -1.28
N THR A 142 2.37 9.80 -0.44
CA THR A 142 3.22 8.87 0.29
C THR A 142 3.39 9.35 1.72
N VAL A 143 3.68 8.43 2.62
CA VAL A 143 4.02 8.80 3.99
C VAL A 143 4.85 7.67 4.58
N ILE A 144 5.84 8.04 5.39
CA ILE A 144 6.68 7.06 6.07
C ILE A 144 6.25 6.95 7.53
N ASP A 145 6.07 5.72 8.00
CA ASP A 145 5.77 5.51 9.41
C ASP A 145 6.86 4.66 10.05
N THR A 146 7.15 4.95 11.30
CA THR A 146 8.30 4.38 11.96
C THR A 146 7.85 3.65 13.21
N GLN A 147 8.22 2.37 13.34
CA GLN A 147 7.81 1.60 14.50
C GLN A 147 8.71 1.92 15.69
N GLU A 148 8.10 2.15 16.85
CA GLU A 148 8.87 2.48 18.06
C GLU A 148 9.97 1.44 18.37
N GLY A 149 10.99 1.85 19.12
CA GLY A 149 12.08 0.95 19.46
C GLY A 149 13.37 1.22 18.70
N ALA A 150 14.46 0.58 19.10
CA ALA A 150 15.77 0.85 18.50
C ALA A 150 16.05 0.05 17.22
N GLU A 151 15.09 -0.77 16.79
CA GLU A 151 15.24 -1.50 15.55
C GLU A 151 15.42 -0.55 14.37
N GLY A 152 14.56 0.47 14.28
CA GLY A 152 14.60 1.37 13.15
C GLY A 152 13.77 0.89 11.97
N TRP A 153 12.95 -0.14 12.22
CA TRP A 153 12.02 -0.66 11.21
C TRP A 153 11.03 0.42 10.81
N GLU A 154 10.82 0.58 9.50
CA GLU A 154 9.92 1.61 9.01
C GLU A 154 9.14 1.11 7.82
N CYS A 155 8.05 1.79 7.48
CA CYS A 155 7.30 1.47 6.27
C CYS A 155 7.01 2.74 5.52
N GLN A 156 7.06 2.69 4.19
CA GLN A 156 6.50 3.78 3.41
C GLN A 156 5.20 3.32 2.77
N ARG A 157 4.16 4.12 2.96
CA ARG A 157 2.89 3.91 2.26
C ARG A 157 2.89 4.76 1.00
N ALA A 158 2.38 4.22 -0.09
CA ALA A 158 2.19 5.01 -1.29
C ALA A 158 0.86 4.65 -1.91
N MET A 159 0.13 5.67 -2.36
CA MET A 159 -1.11 5.44 -3.09
C MET A 159 -1.13 6.33 -4.31
N SER A 160 -1.59 5.77 -5.41
CA SER A 160 -1.76 6.58 -6.63
C SER A 160 -2.98 6.06 -7.37
N VAL A 161 -3.28 6.70 -8.50
CA VAL A 161 -4.40 6.29 -9.32
C VAL A 161 -4.03 6.54 -10.76
N ALA A 162 -4.43 5.60 -11.62
CA ALA A 162 -4.31 5.77 -13.06
C ALA A 162 -5.53 5.09 -13.66
N ASN A 163 -6.17 5.72 -14.63
CA ASN A 163 -7.40 5.19 -15.19
C ASN A 163 -8.38 4.92 -14.04
N ASN A 164 -9.00 3.74 -14.02
CA ASN A 164 -9.96 3.39 -12.97
C ASN A 164 -9.33 2.55 -11.86
N VAL A 165 -8.01 2.61 -11.74
CA VAL A 165 -7.31 1.70 -10.82
C VAL A 165 -6.56 2.49 -9.74
N VAL A 166 -6.80 2.13 -8.49
CA VAL A 166 -6.03 2.67 -7.38
C VAL A 166 -4.86 1.74 -7.04
N VAL A 167 -3.69 2.33 -6.86
CA VAL A 167 -2.48 1.57 -6.57
C VAL A 167 -2.20 1.81 -5.09
N ASP A 168 -2.05 0.74 -4.32
CA ASP A 168 -1.98 0.85 -2.86
C ASP A 168 -0.83 0.00 -2.36
N VAL A 169 0.23 0.66 -1.88
CA VAL A 169 1.49 -0.04 -1.58
C VAL A 169 2.05 0.26 -0.19
N ASN A 170 2.54 -0.78 0.48
CA ASN A 170 3.24 -0.64 1.75
C ASN A 170 4.58 -1.33 1.60
N ALA A 171 5.67 -0.60 1.80
CA ALA A 171 7.00 -1.18 1.64
C ALA A 171 7.80 -0.92 2.92
N CYS A 172 8.32 -1.98 3.52
CA CYS A 172 8.92 -1.90 4.85
C CYS A 172 10.33 -2.47 4.89
N GLY A 173 11.16 -1.91 5.77
CA GLY A 173 12.54 -2.36 5.89
C GLY A 173 13.30 -1.45 6.83
N TYR A 174 14.62 -1.62 6.89
CA TYR A 174 15.45 -0.79 7.76
C TYR A 174 16.03 0.44 7.05
N GLN A 175 15.95 0.45 5.72
CA GLN A 175 16.54 1.51 4.91
C GLN A 175 15.53 2.11 3.96
N ILE A 176 14.37 2.48 4.47
CA ILE A 176 13.30 3.02 3.65
C ILE A 176 13.52 4.48 3.32
N THR A 177 13.41 4.82 2.04
CA THR A 177 13.36 6.21 1.62
C THR A 177 12.17 6.46 0.70
N ASN A 178 12.17 5.81 -0.47
CA ASN A 178 11.04 5.98 -1.39
C ASN A 178 10.67 4.70 -2.15
N GLN A 179 10.89 3.54 -1.53
CA GLN A 179 10.61 2.28 -2.21
C GLN A 179 9.13 2.10 -2.61
N ALA A 180 8.22 2.54 -1.75
CA ALA A 180 6.80 2.41 -2.06
C ALA A 180 6.42 3.37 -3.19
N GLY A 181 7.01 4.57 -3.18
CA GLY A 181 6.81 5.50 -4.26
C GLY A 181 7.29 4.91 -5.57
N GLN A 182 8.43 4.21 -5.53
CA GLN A 182 8.95 3.61 -6.75
C GLN A 182 8.04 2.49 -7.25
N ILE A 183 7.59 1.67 -6.32
CA ILE A 183 6.73 0.56 -6.68
C ILE A 183 5.45 1.11 -7.30
N ALA A 184 4.85 2.10 -6.66
CA ALA A 184 3.61 2.68 -7.16
C ALA A 184 3.78 3.20 -8.59
N ALA A 185 4.89 3.91 -8.83
CA ALA A 185 5.13 4.49 -10.14
C ALA A 185 5.28 3.40 -11.20
N LYS A 186 5.91 2.29 -10.83
CA LYS A 186 6.07 1.19 -11.77
C LYS A 186 4.72 0.51 -12.08
N ILE A 187 3.89 0.34 -11.07
CA ILE A 187 2.55 -0.19 -11.31
C ILE A 187 1.71 0.76 -12.17
N VAL A 188 1.82 2.06 -11.92
CA VAL A 188 1.10 3.04 -12.74
C VAL A 188 1.53 2.93 -14.20
N ASP A 189 2.82 2.71 -14.44
CA ASP A 189 3.29 2.53 -15.83
C ASP A 189 2.64 1.31 -16.48
N LYS A 190 2.41 0.25 -15.68
CA LYS A 190 1.74 -0.93 -16.21
C LYS A 190 0.27 -0.64 -16.51
N VAL A 191 -0.38 0.16 -15.67
CA VAL A 191 -1.76 0.56 -15.94
C VAL A 191 -1.81 1.32 -17.27
N ASN A 192 -0.87 2.25 -17.42
CA ASN A 192 -0.86 3.12 -18.60
C ASN A 192 -0.75 2.35 -19.90
N LYS A 193 -0.09 1.19 -19.85
CA LYS A 193 0.16 0.43 -21.07
C LYS A 193 -0.92 -0.62 -21.35
N GLU A 194 -1.92 -0.71 -20.47
CA GLU A 194 -3.00 -1.67 -20.64
C GLU A 194 -3.72 -1.50 -21.97
C1 BTB B . 11.81 -8.60 13.08
O1 BTB B . 11.09 -8.91 14.22
C2 BTB B . 10.82 -8.28 11.93
C3 BTB B . 11.56 -7.88 10.62
O3 BTB B . 12.58 -8.76 10.34
C4 BTB B . 10.10 -9.62 11.65
O4 BTB B . 9.03 -9.80 12.55
N BTB B . 9.90 -7.12 12.30
C5 BTB B . 9.03 -6.70 11.14
C6 BTB B . 7.61 -6.44 11.66
O6 BTB B . 7.54 -6.76 13.02
C7 BTB B . 10.72 -5.90 12.66
C8 BTB B . 9.85 -5.02 13.58
O8 BTB B . 9.91 -5.42 14.84
TB TB C . 9.18 -7.68 14.76
TB TB D . -3.39 -8.39 7.30
#